data_9M06
#
_entry.id   9M06
#
_cell.length_a   90.090
_cell.length_b   41.001
_cell.length_c   126.658
_cell.angle_alpha   90.000
_cell.angle_beta   103.180
_cell.angle_gamma   90.000
#
_symmetry.space_group_name_H-M   'C 1 2 1'
#
loop_
_entity.id
_entity.type
_entity.pdbx_description
1 polymer 'Outer membrane lipoprotein'
2 non-polymer 'ACETATE ION'
3 non-polymer DI(HYDROXYETHYL)ETHER
4 water water
#
_entity_poly.entity_id   1
_entity_poly.type   'polypeptide(L)'
_entity_poly.pdbx_seq_one_letter_code
;CVPHASQQLPGSAAQDTLPHYQLADYLPTACADIWSLRGQAVETNPLYWLRTIDCADRLMPVQSRAEARALTDDNWQNAF
RRGILLADAKITPPERRAIVTRLEALSAQIPAQVRPVYQIWHDGQALQLALSAERQRYSKLQQMSDSELDALRQQQQALQ
TQLDLTTRKLESLTDIERQLSTRKPLE
;
_entity_poly.pdbx_strand_id   A,B
#
# COMPACT_ATOMS: atom_id res chain seq x y z
N GLN A 22 17.08 -8.62 -22.51
CA GLN A 22 17.70 -9.43 -21.46
C GLN A 22 18.50 -8.53 -20.51
N LEU A 23 18.21 -8.65 -19.21
CA LEU A 23 18.79 -7.79 -18.20
C LEU A 23 19.56 -8.63 -17.18
N ALA A 24 20.47 -7.96 -16.48
CA ALA A 24 21.27 -8.64 -15.45
C ALA A 24 20.42 -8.92 -14.23
N ASP A 25 20.68 -10.07 -13.60
CA ASP A 25 19.92 -10.52 -12.43
C ASP A 25 20.71 -10.18 -11.17
N TYR A 26 20.28 -9.13 -10.48
CA TYR A 26 20.88 -8.72 -9.22
C TYR A 26 20.14 -9.26 -8.01
N LEU A 27 19.15 -10.13 -8.21
CA LEU A 27 18.40 -10.74 -7.13
C LEU A 27 19.27 -11.68 -6.29
N PRO A 28 20.13 -12.53 -6.88
CA PRO A 28 21.02 -13.36 -6.05
C PRO A 28 22.10 -12.58 -5.31
N THR A 29 22.22 -11.28 -5.52
CA THR A 29 23.21 -10.49 -4.79
C THR A 29 22.87 -10.47 -3.29
N ALA A 30 23.89 -10.68 -2.47
CA ALA A 30 23.69 -10.75 -1.03
C ALA A 30 23.12 -9.43 -0.50
N CYS A 31 22.21 -9.55 0.47
CA CYS A 31 21.61 -8.36 1.06
C CYS A 31 22.62 -7.56 1.88
N ALA A 32 23.73 -8.17 2.28
CA ALA A 32 24.76 -7.46 3.03
C ALA A 32 25.63 -6.58 2.13
N ASP A 33 25.64 -6.85 0.82
CA ASP A 33 26.47 -6.08 -0.12
C ASP A 33 25.65 -5.29 -1.12
N ILE A 34 24.31 -5.37 -1.06
CA ILE A 34 23.48 -4.72 -2.06
C ILE A 34 23.57 -3.19 -1.95
N TRP A 35 23.76 -2.68 -0.73
CA TRP A 35 23.79 -1.24 -0.52
C TRP A 35 25.15 -0.62 -0.83
N SER A 36 26.12 -1.41 -1.31
CA SER A 36 27.41 -0.88 -1.71
C SER A 36 27.56 -0.72 -3.22
N LEU A 37 26.68 -1.32 -4.00
CA LEU A 37 26.78 -1.24 -5.45
C LEU A 37 26.40 0.14 -5.95
N ARG A 38 27.19 0.66 -6.90
CA ARG A 38 26.92 1.94 -7.52
C ARG A 38 27.14 1.82 -9.02
N GLY A 39 26.82 2.88 -9.74
CA GLY A 39 27.05 2.93 -11.17
C GLY A 39 25.74 2.88 -11.96
N GLN A 40 25.85 3.26 -13.24
CA GLN A 40 24.67 3.26 -14.10
C GLN A 40 24.20 1.86 -14.43
N ALA A 41 25.10 0.86 -14.39
CA ALA A 41 24.72 -0.49 -14.74
C ALA A 41 23.73 -1.07 -13.73
N VAL A 42 23.92 -0.78 -12.45
CA VAL A 42 23.01 -1.30 -11.43
C VAL A 42 21.79 -0.42 -11.25
N GLU A 43 21.92 0.90 -11.41
CA GLU A 43 20.84 1.82 -11.12
C GLU A 43 19.80 1.91 -12.22
N THR A 44 20.09 1.35 -13.40
CA THR A 44 19.11 1.27 -14.48
C THR A 44 18.46 -0.11 -14.57
N ASN A 45 18.87 -1.05 -13.72
CA ASN A 45 18.31 -2.40 -13.75
C ASN A 45 17.17 -2.49 -12.75
N PRO A 46 15.96 -2.85 -13.18
CA PRO A 46 14.85 -2.99 -12.22
C PRO A 46 15.04 -4.13 -11.24
N LEU A 47 15.80 -5.17 -11.62
CA LEU A 47 16.03 -6.29 -10.71
C LEU A 47 16.92 -5.88 -9.53
N TYR A 48 17.79 -4.88 -9.73
CA TYR A 48 18.58 -4.37 -8.61
C TYR A 48 17.69 -3.67 -7.60
N TRP A 49 16.83 -2.74 -8.07
CA TRP A 49 15.95 -2.02 -7.17
C TRP A 49 14.93 -2.95 -6.52
N LEU A 50 14.52 -4.01 -7.23
CA LEU A 50 13.65 -5.02 -6.62
C LEU A 50 14.36 -5.72 -5.47
N ARG A 51 15.66 -5.96 -5.60
CA ARG A 51 16.41 -6.62 -4.55
C ARG A 51 16.61 -5.71 -3.34
N THR A 52 16.77 -4.40 -3.57
CA THR A 52 16.93 -3.48 -2.45
C THR A 52 15.69 -3.43 -1.57
N ILE A 53 14.51 -3.45 -2.19
CA ILE A 53 13.28 -3.46 -1.41
C ILE A 53 13.13 -4.79 -0.66
N ASP A 54 13.48 -5.90 -1.32
CA ASP A 54 13.43 -7.19 -0.67
C ASP A 54 14.42 -7.27 0.48
N CYS A 55 15.60 -6.65 0.32
CA CYS A 55 16.60 -6.68 1.38
C CYS A 55 16.24 -5.74 2.51
N ALA A 56 15.70 -4.56 2.19
CA ALA A 56 15.31 -3.61 3.23
C ALA A 56 14.16 -4.15 4.08
N ASP A 57 13.29 -4.97 3.48
CA ASP A 57 12.19 -5.58 4.23
C ASP A 57 12.69 -6.54 5.30
N ARG A 58 13.93 -7.02 5.18
CA ARG A 58 14.50 -7.98 6.12
C ARG A 58 15.19 -7.32 7.30
N LEU A 59 15.35 -6.00 7.29
CA LEU A 59 16.16 -5.31 8.29
C LEU A 59 15.30 -4.73 9.41
N MET A 60 15.92 -4.59 10.58
CA MET A 60 15.27 -3.96 11.72
CA MET A 60 15.28 -3.97 11.73
C MET A 60 15.45 -2.45 11.65
N PRO A 61 14.60 -1.69 12.34
CA PRO A 61 14.72 -0.22 12.30
C PRO A 61 16.10 0.31 12.64
N VAL A 62 16.85 -0.33 13.54
CA VAL A 62 18.18 0.17 13.86
C VAL A 62 19.15 -0.09 12.73
N GLN A 63 18.98 -1.18 11.98
CA GLN A 63 19.85 -1.45 10.84
C GLN A 63 19.45 -0.63 9.63
N SER A 64 18.15 -0.37 9.44
CA SER A 64 17.71 0.45 8.32
C SER A 64 18.21 1.88 8.46
N ARG A 65 18.12 2.45 9.66
CA ARG A 65 18.61 3.81 9.88
C ARG A 65 20.13 3.88 9.76
N ALA A 66 20.84 2.83 10.17
CA ALA A 66 22.29 2.81 10.03
C ALA A 66 22.70 2.80 8.56
N GLU A 67 22.04 1.98 7.74
CA GLU A 67 22.33 1.99 6.31
C GLU A 67 21.90 3.30 5.66
N ALA A 68 20.83 3.92 6.14
CA ALA A 68 20.40 5.19 5.59
C ALA A 68 21.37 6.31 5.93
N ARG A 69 22.04 6.22 7.08
CA ARG A 69 23.04 7.22 7.44
C ARG A 69 24.27 7.15 6.55
N ALA A 70 24.48 6.03 5.85
CA ALA A 70 25.55 5.90 4.88
C ALA A 70 25.14 6.37 3.49
N LEU A 71 24.02 7.08 3.38
CA LEU A 71 23.53 7.55 2.10
C LEU A 71 23.05 8.98 2.24
N THR A 72 23.16 9.74 1.16
CA THR A 72 22.63 11.09 1.09
C THR A 72 21.33 11.07 0.29
N ASP A 73 20.87 12.24 -0.15
CA ASP A 73 19.68 12.34 -0.99
C ASP A 73 19.87 13.44 -2.04
N ASP A 74 21.09 13.56 -2.56
CA ASP A 74 21.39 14.60 -3.53
C ASP A 74 20.93 14.23 -4.93
N ASN A 75 20.65 12.95 -5.20
CA ASN A 75 20.17 12.51 -6.49
C ASN A 75 19.06 11.49 -6.28
N TRP A 76 18.43 11.10 -7.39
CA TRP A 76 17.30 10.17 -7.31
C TRP A 76 17.73 8.78 -6.85
N GLN A 77 18.96 8.37 -7.19
CA GLN A 77 19.43 7.05 -6.80
C GLN A 77 19.55 6.93 -5.29
N ASN A 78 20.24 7.88 -4.67
CA ASN A 78 20.42 7.83 -3.21
C ASN A 78 19.12 8.14 -2.49
N ALA A 79 18.28 9.01 -3.04
CA ALA A 79 16.99 9.30 -2.42
C ALA A 79 16.07 8.08 -2.47
N PHE A 80 16.14 7.29 -3.54
CA PHE A 80 15.35 6.08 -3.62
C PHE A 80 15.85 5.02 -2.65
N ARG A 81 17.17 4.86 -2.54
CA ARG A 81 17.74 3.92 -1.58
C ARG A 81 17.37 4.30 -0.15
N ARG A 82 17.49 5.59 0.19
CA ARG A 82 17.17 6.05 1.53
C ARG A 82 15.68 5.86 1.84
N GLY A 83 14.82 6.19 0.87
CA GLY A 83 13.39 6.01 1.08
C GLY A 83 13.01 4.55 1.25
N ILE A 84 13.64 3.67 0.48
CA ILE A 84 13.36 2.24 0.59
C ILE A 84 13.76 1.73 1.97
N LEU A 85 14.89 2.21 2.50
CA LEU A 85 15.37 1.72 3.79
C LEU A 85 14.55 2.26 4.94
N LEU A 86 14.16 3.54 4.88
CA LEU A 86 13.48 4.20 5.98
C LEU A 86 11.97 3.97 5.99
N ALA A 87 11.42 3.29 4.97
CA ALA A 87 9.97 3.13 4.89
C ALA A 87 9.43 2.35 6.07
N ASP A 88 10.14 1.30 6.51
CA ASP A 88 9.73 0.48 7.64
C ASP A 88 10.59 0.72 8.87
N ALA A 89 11.34 1.81 8.91
CA ALA A 89 12.19 2.15 10.03
C ALA A 89 11.46 2.91 11.12
N LYS A 90 10.13 2.80 11.17
CA LYS A 90 9.30 3.47 12.18
C LYS A 90 9.49 4.98 12.15
N ILE A 91 9.24 5.56 10.99
CA ILE A 91 9.33 7.01 10.81
C ILE A 91 7.94 7.62 11.00
N THR A 92 7.93 8.92 11.27
CA THR A 92 6.68 9.64 11.45
C THR A 92 6.02 9.94 10.12
N PRO A 93 4.71 10.15 10.10
CA PRO A 93 4.02 10.52 8.85
C PRO A 93 4.61 11.75 8.20
N PRO A 94 4.96 12.80 8.96
CA PRO A 94 5.66 13.93 8.31
C PRO A 94 6.98 13.56 7.68
N GLU A 95 7.72 12.61 8.27
CA GLU A 95 8.98 12.19 7.68
C GLU A 95 8.76 11.37 6.42
N ARG A 96 7.73 10.51 6.40
CA ARG A 96 7.43 9.75 5.20
C ARG A 96 6.93 10.65 4.09
N ARG A 97 6.16 11.68 4.43
CA ARG A 97 5.66 12.62 3.43
C ARG A 97 6.80 13.38 2.77
N ALA A 98 7.80 13.79 3.55
CA ALA A 98 8.95 14.49 2.97
C ALA A 98 9.76 13.58 2.06
N ILE A 99 9.86 12.30 2.41
CA ILE A 99 10.58 11.35 1.57
C ILE A 99 9.86 11.17 0.24
N VAL A 100 8.53 11.02 0.29
CA VAL A 100 7.75 10.83 -0.94
C VAL A 100 7.78 12.09 -1.79
N THR A 101 7.65 13.26 -1.16
CA THR A 101 7.64 14.50 -1.91
C THR A 101 8.96 14.74 -2.64
N ARG A 102 10.08 14.42 -1.97
CA ARG A 102 11.38 14.61 -2.60
C ARG A 102 11.57 13.68 -3.78
N LEU A 103 11.09 12.45 -3.67
CA LEU A 103 11.23 11.50 -4.78
C LEU A 103 10.28 11.84 -5.92
N GLU A 104 9.08 12.34 -5.62
CA GLU A 104 8.16 12.74 -6.67
C GLU A 104 8.72 13.89 -7.50
N ALA A 105 9.54 14.74 -6.90
CA ALA A 105 10.15 15.84 -7.65
C ALA A 105 11.27 15.36 -8.57
N LEU A 106 11.93 14.26 -8.21
CA LEU A 106 13.02 13.72 -9.00
C LEU A 106 12.64 12.48 -9.80
N SER A 107 11.37 12.07 -9.75
CA SER A 107 10.95 10.83 -10.40
C SER A 107 11.04 10.90 -11.92
N ALA A 108 11.09 12.11 -12.50
CA ALA A 108 11.23 12.23 -13.94
C ALA A 108 12.59 11.76 -14.42
N GLN A 109 13.61 11.85 -13.56
CA GLN A 109 14.95 11.40 -13.90
C GLN A 109 15.11 9.88 -13.81
N ILE A 110 14.17 9.19 -13.20
CA ILE A 110 14.26 7.73 -13.08
C ILE A 110 14.12 7.10 -14.46
N PRO A 111 15.00 6.18 -14.85
CA PRO A 111 14.88 5.55 -16.17
C PRO A 111 13.57 4.77 -16.30
N ALA A 112 13.15 4.60 -17.55
CA ALA A 112 11.84 4.00 -17.82
C ALA A 112 11.78 2.55 -17.36
N GLN A 113 12.90 1.83 -17.41
CA GLN A 113 12.90 0.44 -16.99
C GLN A 113 12.79 0.27 -15.48
N VAL A 114 13.03 1.33 -14.72
CA VAL A 114 13.03 1.26 -13.26
C VAL A 114 11.71 1.80 -12.73
N ARG A 115 11.09 2.71 -13.50
CA ARG A 115 9.85 3.35 -13.05
C ARG A 115 8.75 2.40 -12.61
N PRO A 116 8.50 1.25 -13.26
CA PRO A 116 7.49 0.33 -12.72
C PRO A 116 7.80 -0.13 -11.30
N VAL A 117 9.07 -0.29 -10.95
CA VAL A 117 9.41 -0.64 -9.57
C VAL A 117 9.14 0.52 -8.64
N TYR A 118 9.53 1.74 -9.05
CA TYR A 118 9.30 2.91 -8.21
C TYR A 118 7.82 3.20 -8.06
N GLN A 119 7.03 2.98 -9.12
CA GLN A 119 5.60 3.27 -9.05
C GLN A 119 4.91 2.38 -8.02
N ILE A 120 5.24 1.09 -8.00
CA ILE A 120 4.64 0.19 -7.02
C ILE A 120 5.07 0.57 -5.62
N TRP A 121 6.35 0.95 -5.45
CA TRP A 121 6.83 1.37 -4.14
C TRP A 121 6.18 2.68 -3.71
N HIS A 122 6.01 3.63 -4.63
CA HIS A 122 5.40 4.91 -4.29
C HIS A 122 3.95 4.74 -3.90
N ASP A 123 3.22 3.87 -4.61
CA ASP A 123 1.81 3.64 -4.28
C ASP A 123 1.66 3.08 -2.88
N GLY A 124 2.60 2.23 -2.45
CA GLY A 124 2.54 1.71 -1.09
C GLY A 124 2.81 2.77 -0.05
N GLN A 125 3.77 3.67 -0.33
CA GLN A 125 4.05 4.76 0.59
C GLN A 125 2.89 5.74 0.65
N ALA A 126 2.24 6.00 -0.49
CA ALA A 126 1.08 6.88 -0.50
C ALA A 126 -0.08 6.27 0.29
N LEU A 127 -0.22 4.95 0.22
CA LEU A 127 -1.26 4.28 1.02
C LEU A 127 -0.95 4.35 2.50
N GLN A 128 0.33 4.32 2.87
CA GLN A 128 0.71 4.47 4.27
C GLN A 128 0.40 5.88 4.76
N LEU A 129 0.61 6.89 3.91
CA LEU A 129 0.27 8.26 4.28
C LEU A 129 -1.24 8.42 4.41
N ALA A 130 -2.00 7.81 3.50
CA ALA A 130 -3.47 7.85 3.62
C ALA A 130 -3.92 7.13 4.88
N LEU A 131 -3.26 6.03 5.24
CA LEU A 131 -3.61 5.32 6.47
C LEU A 131 -3.36 6.19 7.69
N SER A 132 -2.22 6.87 7.73
CA SER A 132 -1.93 7.75 8.86
C SER A 132 -2.90 8.92 8.92
N ALA A 133 -3.28 9.46 7.76
CA ALA A 133 -4.26 10.55 7.74
C ALA A 133 -5.62 10.08 8.24
N GLU A 134 -5.99 8.83 7.96
CA GLU A 134 -7.25 8.30 8.47
C GLU A 134 -7.19 8.05 9.97
N ARG A 135 -6.02 7.65 10.49
CA ARG A 135 -5.86 7.50 11.93
C ARG A 135 -6.06 8.84 12.64
N GLN A 136 -5.53 9.92 12.06
CA GLN A 136 -5.66 11.23 12.68
C GLN A 136 -7.11 11.71 12.64
N ARG A 137 -7.81 11.46 11.54
CA ARG A 137 -9.22 11.84 11.45
C ARG A 137 -10.05 11.10 12.49
N TYR A 138 -9.70 9.84 12.77
CA TYR A 138 -10.45 9.05 13.74
C TYR A 138 -10.30 9.63 15.15
N SER A 139 -9.06 9.96 15.54
CA SER A 139 -8.84 10.53 16.86
C SER A 139 -9.48 11.90 17.00
N LYS A 140 -9.49 12.69 15.91
CA LYS A 140 -10.17 13.98 15.94
C LYS A 140 -11.66 13.80 16.19
N LEU A 141 -12.27 12.80 15.54
CA LEU A 141 -13.69 12.52 15.77
C LEU A 141 -13.92 12.00 17.18
N GLN A 142 -12.97 11.20 17.69
CA GLN A 142 -13.09 10.70 19.06
C GLN A 142 -13.11 11.84 20.06
N GLN A 143 -12.25 12.83 19.88
CA GLN A 143 -12.21 13.97 20.79
C GLN A 143 -13.38 14.91 20.54
N MET A 144 -13.78 15.09 19.29
CA MET A 144 -14.93 15.94 18.98
C MET A 144 -16.22 15.34 19.55
N SER A 145 -16.38 14.03 19.44
CA SER A 145 -17.59 13.38 19.95
C SER A 145 -17.66 13.49 21.47
N ASP A 146 -16.55 13.20 22.15
CA ASP A 146 -16.55 13.28 23.61
C ASP A 146 -16.76 14.71 24.09
N SER A 147 -16.20 15.69 23.37
CA SER A 147 -16.41 17.08 23.75
C SER A 147 -17.87 17.48 23.59
N GLU A 148 -18.53 17.04 22.52
CA GLU A 148 -19.94 17.32 22.34
C GLU A 148 -20.79 16.56 23.34
N LEU A 149 -20.41 15.31 23.64
CA LEU A 149 -21.14 14.54 24.64
C LEU A 149 -20.99 15.14 26.03
N ASP A 150 -19.82 15.72 26.34
CA ASP A 150 -19.61 16.31 27.65
C ASP A 150 -20.47 17.55 27.83
N ALA A 151 -20.67 18.34 26.77
CA ALA A 151 -21.51 19.53 26.86
C ALA A 151 -22.95 19.16 27.15
N LEU A 152 -23.46 18.15 26.46
CA LEU A 152 -24.83 17.70 26.71
C LEU A 152 -24.98 17.08 28.09
N ARG A 153 -23.93 16.38 28.55
CA ARG A 153 -23.96 15.80 29.90
C ARG A 153 -24.07 16.91 30.95
N GLN A 154 -23.23 17.93 30.84
CA GLN A 154 -23.27 19.03 31.81
C GLN A 154 -24.63 19.72 31.80
N GLN A 155 -25.22 19.88 30.63
CA GLN A 155 -26.57 20.46 30.56
C GLN A 155 -27.59 19.54 31.22
N GLN A 156 -27.37 18.22 31.13
CA GLN A 156 -28.27 17.26 31.77
C GLN A 156 -28.12 17.33 33.30
N GLN A 157 -26.88 17.43 33.78
CA GLN A 157 -26.68 17.53 35.23
C GLN A 157 -27.30 18.79 35.80
N ALA A 158 -27.27 19.88 35.03
CA ALA A 158 -27.88 21.12 35.51
C ALA A 158 -29.39 20.98 35.62
N LEU A 159 -30.02 20.41 34.60
CA LEU A 159 -31.47 20.23 34.64
C LEU A 159 -31.87 19.23 35.73
N GLN A 160 -31.09 18.17 35.90
CA GLN A 160 -31.40 17.18 36.91
C GLN A 160 -31.30 17.76 38.32
N THR A 161 -30.25 18.53 38.58
CA THR A 161 -30.12 19.19 39.89
C THR A 161 -31.24 20.20 40.09
N GLN A 162 -31.66 20.89 39.03
CA GLN A 162 -32.77 21.82 39.14
C GLN A 162 -34.06 21.10 39.50
N LEU A 163 -34.29 19.93 38.92
CA LEU A 163 -35.52 19.20 39.21
C LEU A 163 -35.48 18.61 40.62
N ASP A 164 -34.32 18.17 41.07
CA ASP A 164 -34.17 17.60 42.40
C ASP A 164 -34.44 18.64 43.49
N GLN B 22 21.60 -13.37 -15.39
CA GLN B 22 20.82 -12.78 -16.48
C GLN B 22 19.42 -13.36 -16.56
N LEU B 23 18.43 -12.49 -16.76
CA LEU B 23 17.04 -12.89 -16.90
C LEU B 23 16.46 -12.21 -18.13
N ALA B 24 15.51 -12.89 -18.78
CA ALA B 24 14.87 -12.35 -19.97
C ALA B 24 14.10 -11.08 -19.63
N ASP B 25 14.04 -10.16 -20.60
CA ASP B 25 13.40 -8.86 -20.41
C ASP B 25 12.06 -8.87 -21.12
N TYR B 26 10.97 -8.89 -20.35
CA TYR B 26 9.62 -8.79 -20.89
C TYR B 26 8.99 -7.43 -20.65
N LEU B 27 9.78 -6.44 -20.23
CA LEU B 27 9.29 -5.08 -20.06
C LEU B 27 8.91 -4.44 -21.40
N PRO B 28 9.72 -4.58 -22.47
CA PRO B 28 9.29 -4.03 -23.76
C PRO B 28 8.16 -4.79 -24.43
N THR B 29 7.69 -5.89 -23.84
CA THR B 29 6.57 -6.63 -24.43
C THR B 29 5.31 -5.77 -24.42
N ALA B 30 4.60 -5.77 -25.55
CA ALA B 30 3.41 -4.95 -25.70
C ALA B 30 2.36 -5.33 -24.66
N CYS B 31 1.69 -4.31 -24.12
CA CYS B 31 0.65 -4.55 -23.12
C CYS B 31 -0.55 -5.28 -23.71
N ALA B 32 -0.74 -5.24 -25.03
CA ALA B 32 -1.86 -5.93 -25.65
C ALA B 32 -1.64 -7.44 -25.72
N ASP B 33 -0.40 -7.90 -25.67
CA ASP B 33 -0.08 -9.31 -25.78
C ASP B 33 0.49 -9.90 -24.49
N ILE B 34 0.62 -9.10 -23.44
CA ILE B 34 1.20 -9.61 -22.19
C ILE B 34 0.24 -10.55 -21.47
N TRP B 35 -1.06 -10.39 -21.70
CA TRP B 35 -2.05 -11.22 -21.01
C TRP B 35 -2.18 -12.60 -21.63
N SER B 36 -1.70 -12.79 -22.86
CA SER B 36 -1.77 -14.08 -23.53
C SER B 36 -0.53 -14.93 -23.33
N LEU B 37 0.53 -14.38 -22.73
CA LEU B 37 1.76 -15.12 -22.54
C LEU B 37 1.56 -16.23 -21.51
N ARG B 38 1.97 -17.44 -21.88
CA ARG B 38 1.87 -18.60 -21.00
C ARG B 38 3.15 -19.41 -21.08
N GLY B 39 3.39 -20.22 -20.06
CA GLY B 39 4.56 -21.06 -20.02
C GLY B 39 5.40 -20.90 -18.77
N GLN B 40 6.30 -21.86 -18.52
CA GLN B 40 7.15 -21.79 -17.34
C GLN B 40 8.27 -20.77 -17.51
N ALA B 41 8.68 -20.48 -18.75
CA ALA B 41 9.76 -19.54 -18.97
C ALA B 41 9.33 -18.10 -18.66
N VAL B 42 8.07 -17.77 -18.94
CA VAL B 42 7.58 -16.42 -18.69
C VAL B 42 7.10 -16.25 -17.25
N GLU B 43 6.40 -17.26 -16.71
CA GLU B 43 5.80 -17.14 -15.39
C GLU B 43 6.82 -17.22 -14.26
N THR B 44 8.07 -17.59 -14.55
CA THR B 44 9.12 -17.60 -13.56
C THR B 44 10.06 -16.41 -13.68
N ASN B 45 9.74 -15.44 -14.53
CA ASN B 45 10.59 -14.27 -14.69
C ASN B 45 9.91 -13.10 -13.99
N PRO B 46 10.57 -12.46 -13.01
CA PRO B 46 9.94 -11.33 -12.34
C PRO B 46 9.67 -10.14 -13.25
N LEU B 47 10.44 -10.01 -14.34
CA LEU B 47 10.20 -8.90 -15.26
C LEU B 47 8.89 -9.06 -16.00
N TYR B 48 8.46 -10.30 -16.24
CA TYR B 48 7.15 -10.52 -16.84
C TYR B 48 6.03 -10.06 -15.92
N TRP B 49 6.11 -10.41 -14.65
CA TRP B 49 5.09 -9.99 -13.69
C TRP B 49 5.16 -8.49 -13.42
N LEU B 50 6.36 -7.91 -13.46
CA LEU B 50 6.48 -6.46 -13.33
C LEU B 50 5.80 -5.75 -14.48
N ARG B 51 5.97 -6.26 -15.70
CA ARG B 51 5.27 -5.69 -16.86
C ARG B 51 3.77 -5.90 -16.76
N THR B 52 3.35 -7.02 -16.18
CA THR B 52 1.92 -7.27 -16.00
C THR B 52 1.30 -6.22 -15.09
N ILE B 53 1.99 -5.85 -14.00
CA ILE B 53 1.48 -4.83 -13.10
C ILE B 53 1.50 -3.47 -13.78
N ASP B 54 2.52 -3.19 -14.58
CA ASP B 54 2.60 -1.91 -15.27
C ASP B 54 1.49 -1.77 -16.29
N CYS B 55 1.17 -2.86 -17.01
CA CYS B 55 0.11 -2.79 -18.01
C CYS B 55 -1.27 -2.69 -17.37
N ALA B 56 -1.48 -3.39 -16.25
CA ALA B 56 -2.76 -3.33 -15.57
C ALA B 56 -3.02 -1.94 -14.99
N ASP B 57 -1.97 -1.23 -14.58
CA ASP B 57 -2.13 0.12 -14.08
C ASP B 57 -2.61 1.09 -15.16
N ARG B 58 -2.44 0.74 -16.43
CA ARG B 58 -2.83 1.60 -17.54
C ARG B 58 -4.28 1.40 -17.97
N LEU B 59 -4.96 0.38 -17.46
CA LEU B 59 -6.28 0.01 -17.95
C LEU B 59 -7.38 0.62 -17.10
N MET B 60 -8.51 0.90 -17.76
CA MET B 60 -9.71 1.35 -17.07
CA MET B 60 -9.70 1.34 -17.07
C MET B 60 -10.42 0.14 -16.45
N PRO B 61 -11.23 0.37 -15.41
CA PRO B 61 -11.91 -0.76 -14.75
C PRO B 61 -12.68 -1.66 -15.70
N VAL B 62 -13.26 -1.13 -16.78
CA VAL B 62 -14.00 -1.98 -17.69
C VAL B 62 -13.06 -2.83 -18.54
N GLN B 63 -11.87 -2.31 -18.86
CA GLN B 63 -10.89 -3.10 -19.62
C GLN B 63 -10.23 -4.15 -18.73
N SER B 64 -9.95 -3.79 -17.47
CA SER B 64 -9.35 -4.75 -16.55
C SER B 64 -10.30 -5.92 -16.29
N ARG B 65 -11.59 -5.63 -16.16
CA ARG B 65 -12.57 -6.70 -15.93
C ARG B 65 -12.77 -7.55 -17.17
N ALA B 66 -12.67 -6.96 -18.37
CA ALA B 66 -12.80 -7.73 -19.59
C ALA B 66 -11.67 -8.72 -19.77
N GLU B 67 -10.46 -8.37 -19.29
CA GLU B 67 -9.35 -9.30 -19.37
C GLU B 67 -9.40 -10.34 -18.27
N ALA B 68 -9.80 -9.94 -17.06
CA ALA B 68 -9.79 -10.85 -15.92
C ALA B 68 -10.95 -11.84 -15.95
N ARG B 69 -12.03 -11.55 -16.67
CA ARG B 69 -13.18 -12.45 -16.69
C ARG B 69 -12.87 -13.77 -17.37
N ALA B 70 -11.82 -13.83 -18.19
CA ALA B 70 -11.43 -15.06 -18.86
C ALA B 70 -10.52 -15.94 -18.02
N LEU B 71 -10.18 -15.52 -16.81
CA LEU B 71 -9.27 -16.25 -15.94
C LEU B 71 -9.97 -16.65 -14.65
N THR B 72 -9.35 -17.60 -13.94
CA THR B 72 -9.84 -18.07 -12.66
C THR B 72 -8.65 -18.16 -11.70
N ASP B 73 -8.92 -18.62 -10.48
CA ASP B 73 -7.88 -18.73 -9.47
C ASP B 73 -7.54 -20.20 -9.19
N ASP B 74 -7.31 -20.97 -10.25
CA ASP B 74 -7.01 -22.39 -10.08
C ASP B 74 -5.58 -22.59 -9.57
N ASN B 75 -4.63 -21.83 -10.10
CA ASN B 75 -3.24 -21.93 -9.69
C ASN B 75 -2.72 -20.54 -9.34
N TRP B 76 -1.48 -20.50 -8.84
CA TRP B 76 -0.90 -19.22 -8.42
C TRP B 76 -0.65 -18.30 -9.62
N GLN B 77 -0.42 -18.86 -10.80
CA GLN B 77 -0.16 -18.03 -11.97
C GLN B 77 -1.41 -17.26 -12.40
N ASN B 78 -2.54 -17.97 -12.54
CA ASN B 78 -3.76 -17.30 -12.99
C ASN B 78 -4.37 -16.45 -11.88
N ALA B 79 -4.21 -16.86 -10.62
CA ALA B 79 -4.73 -16.05 -9.52
C ALA B 79 -3.96 -14.74 -9.40
N PHE B 80 -2.65 -14.77 -9.63
CA PHE B 80 -1.85 -13.55 -9.59
C PHE B 80 -2.25 -12.62 -10.73
N ARG B 81 -2.37 -13.16 -11.95
CA ARG B 81 -2.80 -12.36 -13.08
C ARG B 81 -4.17 -11.76 -12.84
N ARG B 82 -5.10 -12.56 -12.33
CA ARG B 82 -6.45 -12.07 -12.06
C ARG B 82 -6.45 -11.01 -10.97
N GLY B 83 -5.67 -11.22 -9.90
CA GLY B 83 -5.62 -10.24 -8.83
C GLY B 83 -4.98 -8.93 -9.26
N ILE B 84 -3.97 -9.01 -10.13
CA ILE B 84 -3.32 -7.80 -10.62
C ILE B 84 -4.28 -6.96 -11.45
N LEU B 85 -5.09 -7.62 -12.28
CA LEU B 85 -6.03 -6.89 -13.13
C LEU B 85 -7.16 -6.29 -12.31
N LEU B 86 -7.69 -7.05 -11.35
CA LEU B 86 -8.85 -6.61 -10.58
C LEU B 86 -8.50 -5.67 -9.43
N ALA B 87 -7.21 -5.43 -9.18
CA ALA B 87 -6.82 -4.62 -8.01
C ALA B 87 -7.40 -3.21 -8.10
N ASP B 88 -7.36 -2.60 -9.28
CA ASP B 88 -7.86 -1.25 -9.48
C ASP B 88 -9.14 -1.22 -10.31
N ALA B 89 -9.83 -2.34 -10.42
CA ALA B 89 -11.08 -2.44 -11.17
C ALA B 89 -12.29 -2.05 -10.34
N LYS B 90 -12.10 -1.31 -9.25
CA LYS B 90 -13.17 -0.87 -8.37
C LYS B 90 -13.95 -2.06 -7.81
N ILE B 91 -13.23 -2.92 -7.10
CA ILE B 91 -13.82 -4.08 -6.44
C ILE B 91 -14.10 -3.71 -4.99
N THR B 92 -14.93 -4.53 -4.35
CA THR B 92 -15.30 -4.31 -2.96
C THR B 92 -14.24 -4.87 -2.02
N PRO B 93 -14.17 -4.36 -0.79
CA PRO B 93 -13.20 -4.90 0.19
C PRO B 93 -13.35 -6.39 0.40
N PRO B 94 -14.57 -6.93 0.50
CA PRO B 94 -14.68 -8.40 0.57
C PRO B 94 -14.15 -9.12 -0.66
N GLU B 95 -14.29 -8.52 -1.84
CA GLU B 95 -13.76 -9.15 -3.04
C GLU B 95 -12.24 -9.12 -3.06
N ARG B 96 -11.64 -8.00 -2.63
CA ARG B 96 -10.19 -7.92 -2.57
C ARG B 96 -9.63 -8.84 -1.49
N ARG B 97 -10.33 -8.97 -0.37
CA ARG B 97 -9.88 -9.87 0.70
C ARG B 97 -9.87 -11.32 0.22
N ALA B 98 -10.89 -11.71 -0.56
CA ALA B 98 -10.94 -13.08 -1.06
C ALA B 98 -9.80 -13.34 -2.04
N ILE B 99 -9.44 -12.34 -2.85
CA ILE B 99 -8.32 -12.49 -3.78
C ILE B 99 -7.00 -12.61 -3.03
N VAL B 100 -6.81 -11.77 -2.01
CA VAL B 100 -5.56 -11.80 -1.25
C VAL B 100 -5.44 -13.10 -0.47
N THR B 101 -6.53 -13.54 0.16
CA THR B 101 -6.49 -14.76 0.96
C THR B 101 -6.17 -15.98 0.11
N ARG B 102 -6.76 -16.06 -1.09
CA ARG B 102 -6.48 -17.18 -1.98
C ARG B 102 -5.02 -17.17 -2.43
N LEU B 103 -4.48 -16.00 -2.74
CA LEU B 103 -3.08 -15.90 -3.16
C LEU B 103 -2.13 -16.20 -2.01
N GLU B 104 -2.50 -15.83 -0.78
CA GLU B 104 -1.65 -16.15 0.36
C GLU B 104 -1.57 -17.65 0.58
N ALA B 105 -2.64 -18.39 0.30
CA ALA B 105 -2.61 -19.83 0.44
C ALA B 105 -1.74 -20.48 -0.64
N LEU B 106 -1.64 -19.85 -1.80
CA LEU B 106 -0.84 -20.36 -2.91
C LEU B 106 0.56 -19.75 -2.97
N SER B 107 0.91 -18.86 -2.04
CA SER B 107 2.17 -18.16 -2.11
C SER B 107 3.37 -19.09 -1.93
N ALA B 108 3.16 -20.30 -1.40
CA ALA B 108 4.27 -21.23 -1.23
C ALA B 108 4.76 -21.75 -2.57
N GLN B 109 3.89 -21.79 -3.59
CA GLN B 109 4.26 -22.30 -4.91
C GLN B 109 4.92 -21.25 -5.80
N ILE B 110 4.90 -19.99 -5.41
CA ILE B 110 5.54 -18.94 -6.21
C ILE B 110 7.05 -19.11 -6.13
N PRO B 111 7.77 -19.13 -7.26
CA PRO B 111 9.22 -19.29 -7.21
C PRO B 111 9.89 -18.13 -6.49
N ALA B 112 11.13 -18.36 -6.07
CA ALA B 112 11.82 -17.39 -5.22
C ALA B 112 12.12 -16.11 -5.98
N GLN B 113 12.43 -16.20 -7.27
CA GLN B 113 12.76 -15.01 -8.05
C GLN B 113 11.54 -14.15 -8.34
N VAL B 114 10.33 -14.71 -8.22
CA VAL B 114 9.12 -13.96 -8.47
C VAL B 114 8.53 -13.38 -7.18
N ARG B 115 8.78 -14.02 -6.05
CA ARG B 115 8.18 -13.59 -4.78
C ARG B 115 8.44 -12.13 -4.42
N PRO B 116 9.62 -11.54 -4.68
CA PRO B 116 9.75 -10.10 -4.42
C PRO B 116 8.75 -9.24 -5.17
N VAL B 117 8.35 -9.65 -6.38
CA VAL B 117 7.30 -8.92 -7.09
C VAL B 117 5.95 -9.12 -6.39
N TYR B 118 5.66 -10.37 -5.99
CA TYR B 118 4.38 -10.65 -5.35
C TYR B 118 4.29 -10.00 -3.97
N GLN B 119 5.41 -9.97 -3.23
CA GLN B 119 5.38 -9.46 -1.87
C GLN B 119 5.03 -7.98 -1.84
N ILE B 120 5.65 -7.18 -2.72
CA ILE B 120 5.35 -5.76 -2.75
C ILE B 120 3.93 -5.54 -3.27
N TRP B 121 3.50 -6.37 -4.22
CA TRP B 121 2.11 -6.27 -4.69
C TRP B 121 1.13 -6.65 -3.59
N HIS B 122 1.45 -7.71 -2.83
CA HIS B 122 0.57 -8.12 -1.74
C HIS B 122 0.52 -7.06 -0.64
N ASP B 123 1.67 -6.43 -0.34
CA ASP B 123 1.70 -5.41 0.69
C ASP B 123 0.81 -4.23 0.32
N GLY B 124 0.77 -3.86 -0.96
CA GLY B 124 -0.12 -2.80 -1.38
C GLY B 124 -1.58 -3.17 -1.25
N GLN B 125 -1.91 -4.42 -1.55
CA GLN B 125 -3.29 -4.88 -1.41
C GLN B 125 -3.69 -4.96 0.06
N ALA B 126 -2.76 -5.38 0.93
CA ALA B 126 -3.04 -5.41 2.36
C ALA B 126 -3.26 -4.01 2.92
N LEU B 127 -2.56 -3.01 2.37
CA LEU B 127 -2.78 -1.64 2.80
C LEU B 127 -4.14 -1.12 2.34
N GLN B 128 -4.61 -1.55 1.17
CA GLN B 128 -5.94 -1.17 0.73
C GLN B 128 -7.02 -1.78 1.61
N LEU B 129 -6.81 -3.02 2.05
CA LEU B 129 -7.76 -3.65 2.96
C LEU B 129 -7.78 -2.95 4.31
N ALA B 130 -6.60 -2.56 4.81
CA ALA B 130 -6.53 -1.83 6.07
C ALA B 130 -7.17 -0.46 5.95
N LEU B 131 -7.00 0.19 4.80
CA LEU B 131 -7.63 1.50 4.58
C LEU B 131 -9.14 1.36 4.50
N SER B 132 -9.63 0.27 3.90
CA SER B 132 -11.07 0.04 3.84
C SER B 132 -11.64 -0.26 5.22
N ALA B 133 -10.91 -1.03 6.03
CA ALA B 133 -11.37 -1.33 7.38
C ALA B 133 -11.36 -0.09 8.27
N GLU B 134 -10.38 0.80 8.06
CA GLU B 134 -10.32 2.03 8.86
C GLU B 134 -11.48 2.96 8.51
N ARG B 135 -11.86 3.01 7.23
CA ARG B 135 -12.97 3.88 6.83
C ARG B 135 -14.30 3.36 7.36
N GLN B 136 -14.48 2.03 7.34
CA GLN B 136 -15.68 1.45 7.92
C GLN B 136 -15.73 1.69 9.43
N ARG B 137 -14.58 1.58 10.10
CA ARG B 137 -14.51 1.87 11.52
C ARG B 137 -14.80 3.34 11.81
N TYR B 138 -14.43 4.24 10.89
CA TYR B 138 -14.71 5.65 11.08
C TYR B 138 -16.20 5.94 11.00
N SER B 139 -16.87 5.43 9.96
CA SER B 139 -18.31 5.63 9.84
C SER B 139 -19.05 4.93 10.98
N LYS B 140 -18.52 3.82 11.47
CA LYS B 140 -19.09 3.17 12.65
C LYS B 140 -19.06 4.10 13.84
N LEU B 141 -17.96 4.83 14.02
CA LEU B 141 -17.88 5.81 15.11
C LEU B 141 -18.83 6.98 14.86
N GLN B 142 -18.99 7.38 13.60
CA GLN B 142 -19.90 8.48 13.28
C GLN B 142 -21.34 8.15 13.69
N GLN B 143 -21.77 6.91 13.45
CA GLN B 143 -23.14 6.53 13.79
C GLN B 143 -23.30 6.32 15.29
N MET B 144 -22.31 5.70 15.95
CA MET B 144 -22.39 5.53 17.39
C MET B 144 -22.35 6.86 18.11
N SER B 145 -21.57 7.82 17.62
CA SER B 145 -21.52 9.14 18.25
C SER B 145 -22.85 9.85 18.15
N ASP B 146 -23.49 9.81 16.98
CA ASP B 146 -24.79 10.45 16.81
C ASP B 146 -25.86 9.76 17.65
N SER B 147 -25.78 8.44 17.80
CA SER B 147 -26.75 7.71 18.59
C SER B 147 -26.67 8.11 20.06
N GLU B 148 -25.46 8.20 20.61
CA GLU B 148 -25.30 8.62 21.99
C GLU B 148 -25.70 10.08 22.18
N LEU B 149 -25.35 10.94 21.22
CA LEU B 149 -25.77 12.33 21.29
C LEU B 149 -27.30 12.45 21.25
N ASP B 150 -27.95 11.64 20.42
CA ASP B 150 -29.40 11.66 20.35
C ASP B 150 -30.00 11.26 21.69
N ALA B 151 -29.49 10.17 22.28
CA ALA B 151 -30.03 9.70 23.56
C ALA B 151 -29.94 10.76 24.65
N LEU B 152 -28.85 11.54 24.66
CA LEU B 152 -28.73 12.61 25.63
C LEU B 152 -29.70 13.74 25.31
N ARG B 153 -29.90 14.04 24.03
CA ARG B 153 -30.82 15.11 23.65
C ARG B 153 -32.25 14.76 24.04
N GLN B 154 -32.65 13.50 23.84
CA GLN B 154 -33.99 13.07 24.24
C GLN B 154 -34.14 13.14 25.76
N GLN B 155 -33.12 12.69 26.50
CA GLN B 155 -33.16 12.79 27.96
C GLN B 155 -33.26 14.23 28.41
N GLN B 156 -32.49 15.12 27.78
CA GLN B 156 -32.54 16.54 28.14
C GLN B 156 -33.91 17.14 27.86
N GLN B 157 -34.51 16.80 26.72
CA GLN B 157 -35.83 17.33 26.40
C GLN B 157 -36.88 16.83 27.38
N ALA B 158 -36.90 15.53 27.65
CA ALA B 158 -37.84 14.98 28.64
C ALA B 158 -37.64 15.63 30.00
N LEU B 159 -36.39 15.92 30.36
CA LEU B 159 -36.13 16.62 31.61
C LEU B 159 -36.68 18.03 31.58
N GLN B 160 -36.61 18.70 30.42
CA GLN B 160 -37.05 20.09 30.32
C GLN B 160 -38.57 20.20 30.46
N THR B 161 -39.31 19.32 29.77
CA THR B 161 -40.77 19.34 29.91
C THR B 161 -41.19 19.05 31.35
N GLN B 162 -40.52 18.10 32.00
CA GLN B 162 -40.87 17.79 33.38
C GLN B 162 -40.45 18.92 34.31
N LEU B 163 -39.33 19.58 34.02
CA LEU B 163 -38.93 20.76 34.78
C LEU B 163 -39.96 21.88 34.64
N ASP B 164 -40.52 22.03 33.46
CA ASP B 164 -41.55 23.04 33.20
C ASP B 164 -42.83 22.70 33.95
#